data_9DUJ
#
_entry.id   9DUJ
#
_cell.length_a   56.258
_cell.length_b   77.833
_cell.length_c   89.178
_cell.angle_alpha   90.00
_cell.angle_beta   90.00
_cell.angle_gamma   90.00
#
_symmetry.space_group_name_H-M   'P 21 21 21'
#
loop_
_entity.id
_entity.type
_entity.pdbx_description
1 polymer 'Cytochrome P450'
2 polymer NLE-ARG-TYR-LEU-HIS
3 non-polymer 'PROTOPORPHYRIN IX CONTAINING FE'
4 non-polymer 'CHLORIDE ION'
5 non-polymer 'ACETATE ION'
6 non-polymer GLYCEROL
7 water water
#
loop_
_entity_poly.entity_id
_entity_poly.type
_entity_poly.pdbx_seq_one_letter_code
_entity_poly.pdbx_strand_id
1 'polypeptide(L)'
;GHMTVSPAPEHTDPLFSPLDPAVLADPYPVYRRLRETHPVYWHAGLDSWLMTRHADCTAILRDPGRFSTDFRKIDIPTPP
TLLSLQTLDPPDQTPLRHLALDAVRAQDLDALRKELTLFADQLLDELADRESFDFIHDYADVFTLRAITRFIGVEPPETD
EAFARFNDDLDHSMDAQLDPDAEEPGLRARAHFNDLVRSWLGDPGPHGVLPDVVRLLPGSGVEADDVLVNSVRAFFHAGF
EVPSRFLGNALAALLATPGAWEQLVRGDVGLDTAVEELIRYVGPVQALARACLQDTELGGMAVKEGQVVTALIGAANRDP
DQFPDPETLRLDRKPNNHLGFGRGAHSCLGLNVARIEAHVTLGALLRHPGVRSAGEPVVRPNGTLRGLSRLPLTLG
;
A
2 'polypeptide(L)' (NLE)RYLH B
#
loop_
_chem_comp.id
_chem_comp.type
_chem_comp.name
_chem_comp.formula
ACT non-polymer 'ACETATE ION' 'C2 H3 O2 -1'
CL non-polymer 'CHLORIDE ION' 'Cl -1'
GOL non-polymer GLYCEROL 'C3 H8 O3'
HEM non-polymer 'PROTOPORPHYRIN IX CONTAINING FE' 'C34 H32 Fe N4 O4'
#
# COMPACT_ATOMS: atom_id res chain seq x y z
N HIS A 11 -16.59 16.21 -20.28
CA HIS A 11 -16.64 15.05 -19.40
C HIS A 11 -15.49 15.08 -18.40
N THR A 12 -14.42 15.78 -18.77
CA THR A 12 -13.25 15.89 -17.91
C THR A 12 -13.57 16.67 -16.64
N ASP A 13 -13.04 16.20 -15.52
CA ASP A 13 -13.26 16.91 -14.26
C ASP A 13 -12.42 18.20 -14.24
N PRO A 14 -12.99 19.31 -13.78
CA PRO A 14 -12.24 20.58 -13.83
C PRO A 14 -11.05 20.65 -12.88
N LEU A 15 -10.88 19.68 -11.99
CA LEU A 15 -9.82 19.80 -10.98
C LEU A 15 -8.90 18.59 -10.88
N PHE A 16 -9.43 17.38 -11.09
CA PHE A 16 -8.67 16.18 -10.75
C PHE A 16 -9.06 15.01 -11.64
N SER A 17 -8.12 14.54 -12.46
CA SER A 17 -8.30 13.39 -13.35
C SER A 17 -7.23 12.36 -12.98
N PRO A 18 -7.54 11.42 -12.07
CA PRO A 18 -6.47 10.57 -11.51
C PRO A 18 -5.81 9.65 -12.50
N LEU A 19 -6.47 9.27 -13.60
CA LEU A 19 -5.88 8.38 -14.59
C LEU A 19 -5.41 9.11 -15.84
N ASP A 20 -5.47 10.44 -15.86
CA ASP A 20 -4.81 11.19 -16.91
C ASP A 20 -3.31 10.92 -16.87
N PRO A 21 -2.68 10.58 -18.00
CA PRO A 21 -1.23 10.30 -17.96
C PRO A 21 -0.39 11.43 -17.39
N ALA A 22 -0.78 12.69 -17.60
CA ALA A 22 0.00 13.77 -17.02
C ALA A 22 -0.14 13.82 -15.51
N VAL A 23 -1.30 13.43 -14.98
CA VAL A 23 -1.47 13.35 -13.53
C VAL A 23 -0.73 12.15 -12.97
N LEU A 24 -0.82 11.00 -13.64
CA LEU A 24 -0.09 9.81 -13.20
C LEU A 24 1.42 10.05 -13.16
N ALA A 25 1.94 10.88 -14.07
CA ALA A 25 3.37 11.16 -14.06
C ALA A 25 3.79 11.84 -12.76
N ASP A 26 2.95 12.73 -12.23
CA ASP A 26 3.25 13.45 -11.00
C ASP A 26 1.95 14.03 -10.43
N PRO A 27 1.27 13.32 -9.52
CA PRO A 27 -0.04 13.81 -9.07
C PRO A 27 0.03 14.87 -7.99
N TYR A 28 1.19 15.10 -7.40
CA TYR A 28 1.24 15.92 -6.19
C TYR A 28 0.93 17.40 -6.46
N PRO A 29 1.37 18.01 -7.57
CA PRO A 29 0.89 19.38 -7.84
C PRO A 29 -0.62 19.45 -8.03
N VAL A 30 -1.23 18.41 -8.60
CA VAL A 30 -2.67 18.40 -8.79
C VAL A 30 -3.37 18.27 -7.43
N TYR A 31 -2.86 17.38 -6.58
CA TYR A 31 -3.35 17.28 -5.21
C TYR A 31 -3.28 18.62 -4.50
N ARG A 32 -2.17 19.34 -4.70
CA ARG A 32 -1.98 20.62 -4.01
C ARG A 32 -2.98 21.66 -4.49
N ARG A 33 -3.16 21.77 -5.81
CA ARG A 33 -4.15 22.71 -6.33
C ARG A 33 -5.55 22.36 -5.84
N LEU A 34 -5.87 21.07 -5.77
CA LEU A 34 -7.17 20.65 -5.26
C LEU A 34 -7.33 21.04 -3.78
N ARG A 35 -6.31 20.76 -2.97
CA ARG A 35 -6.35 21.10 -1.54
C ARG A 35 -6.55 22.61 -1.34
N GLU A 36 -5.90 23.42 -2.17
CA GLU A 36 -5.98 24.87 -2.03
C GLU A 36 -7.33 25.42 -2.46
N THR A 37 -7.98 24.76 -3.42
CA THR A 37 -9.22 25.30 -3.98
CA THR A 37 -9.22 25.25 -4.04
C THR A 37 -10.47 24.65 -3.38
N HIS A 38 -10.51 23.33 -3.28
CA HIS A 38 -11.66 22.63 -2.71
C HIS A 38 -11.15 21.48 -1.87
N PRO A 39 -10.74 21.76 -0.62
CA PRO A 39 -10.17 20.68 0.22
C PRO A 39 -11.16 19.57 0.54
N VAL A 40 -12.46 19.84 0.39
CA VAL A 40 -13.52 18.85 0.44
C VAL A 40 -14.33 19.03 -0.83
N TYR A 41 -14.21 18.09 -1.76
CA TYR A 41 -14.58 18.31 -3.16
C TYR A 41 -15.45 17.18 -3.66
N TRP A 42 -16.62 17.51 -4.22
CA TRP A 42 -17.46 16.49 -4.84
C TRP A 42 -16.92 16.20 -6.24
N HIS A 43 -16.49 14.96 -6.45
CA HIS A 43 -15.99 14.50 -7.75
C HIS A 43 -17.08 13.64 -8.39
N ALA A 44 -17.71 14.17 -9.43
CA ALA A 44 -18.84 13.48 -10.05
C ALA A 44 -18.43 12.17 -10.70
N GLY A 45 -17.29 12.15 -11.39
CA GLY A 45 -16.85 10.93 -12.05
C GLY A 45 -16.57 9.81 -11.07
N LEU A 46 -15.96 10.15 -9.94
CA LEU A 46 -15.69 9.16 -8.89
C LEU A 46 -16.90 8.90 -8.00
N ASP A 47 -17.96 9.71 -8.13
CA ASP A 47 -19.16 9.61 -7.30
C ASP A 47 -18.78 9.60 -5.82
N SER A 48 -17.93 10.54 -5.43
CA SER A 48 -17.37 10.57 -4.09
C SER A 48 -16.90 11.97 -3.73
N TRP A 49 -17.00 12.31 -2.45
CA TRP A 49 -16.24 13.45 -1.94
C TRP A 49 -14.77 13.06 -1.86
N LEU A 50 -13.90 14.03 -2.12
CA LEU A 50 -12.46 13.85 -1.98
C LEU A 50 -11.94 14.79 -0.90
N MET A 51 -11.29 14.23 0.13
CA MET A 51 -10.70 15.00 1.23
C MET A 51 -9.18 14.97 1.08
N THR A 52 -8.58 16.15 0.95
CA THR A 52 -7.14 16.27 0.73
C THR A 52 -6.38 16.85 1.92
N ARG A 53 -7.05 17.11 3.04
CA ARG A 53 -6.39 17.63 4.22
C ARG A 53 -6.19 16.55 5.28
N HIS A 54 -5.09 16.69 6.01
CA HIS A 54 -4.69 15.71 7.01
C HIS A 54 -5.71 15.58 8.15
N ALA A 55 -6.24 16.70 8.66
CA ALA A 55 -7.19 16.60 9.76
C ALA A 55 -8.48 15.91 9.33
N ASP A 56 -8.97 16.22 8.12
CA ASP A 56 -10.21 15.59 7.67
C ASP A 56 -10.02 14.10 7.40
N CYS A 57 -8.88 13.74 6.79
CA CYS A 57 -8.62 12.32 6.56
C CYS A 57 -8.51 11.56 7.86
N THR A 58 -7.83 12.13 8.87
CA THR A 58 -7.71 11.46 10.16
CA THR A 58 -7.73 11.37 10.10
C THR A 58 -9.08 11.26 10.80
N ALA A 59 -9.93 12.27 10.70
CA ALA A 59 -11.27 12.17 11.31
C ALA A 59 -12.10 11.09 10.64
N ILE A 60 -12.01 10.98 9.31
CA ILE A 60 -12.74 9.93 8.60
C ILE A 60 -12.28 8.55 9.08
N LEU A 61 -10.97 8.33 9.16
CA LEU A 61 -10.45 7.01 9.49
C LEU A 61 -10.74 6.62 10.93
N ARG A 62 -10.91 7.58 11.82
CA ARG A 62 -11.11 7.29 13.25
C ARG A 62 -12.58 7.12 13.64
N ASP A 63 -13.53 7.19 12.71
CA ASP A 63 -14.96 7.20 13.04
C ASP A 63 -15.75 6.20 12.21
N PRO A 64 -15.69 4.91 12.56
CA PRO A 64 -16.39 3.90 11.76
C PRO A 64 -17.91 3.96 11.88
N GLY A 65 -18.44 4.50 12.97
CA GLY A 65 -19.89 4.67 13.07
C GLY A 65 -20.45 5.69 12.10
N ARG A 66 -19.60 6.61 11.65
CA ARG A 66 -19.98 7.62 10.68
C ARG A 66 -19.48 7.31 9.28
N PHE A 67 -18.32 6.66 9.17
CA PHE A 67 -17.65 6.43 7.88
C PHE A 67 -17.25 4.97 7.82
N SER A 68 -18.01 4.19 7.06
CA SER A 68 -17.99 2.73 7.13
C SER A 68 -17.21 2.13 5.96
N THR A 69 -16.58 0.98 6.21
CA THR A 69 -16.00 0.20 5.13
C THR A 69 -16.99 -0.79 4.52
N ASP A 70 -18.18 -0.91 5.09
CA ASP A 70 -19.17 -1.91 4.68
C ASP A 70 -20.24 -1.20 3.87
N PHE A 71 -20.08 -1.19 2.55
CA PHE A 71 -20.97 -0.40 1.72
C PHE A 71 -22.35 -1.04 1.59
N ARG A 72 -22.55 -2.26 2.11
CA ARG A 72 -23.91 -2.78 2.22
C ARG A 72 -24.78 -1.86 3.05
N LYS A 73 -24.17 -1.09 3.96
CA LYS A 73 -24.91 -0.16 4.79
CA LYS A 73 -24.91 -0.16 4.79
C LYS A 73 -25.46 1.03 4.01
N ILE A 74 -25.00 1.25 2.77
CA ILE A 74 -25.58 2.27 1.91
C ILE A 74 -26.12 1.59 0.65
N ASP A 75 -26.54 0.32 0.82
CA ASP A 75 -27.32 -0.43 -0.16
C ASP A 75 -26.51 -0.83 -1.39
N ILE A 76 -25.21 -1.05 -1.23
CA ILE A 76 -24.35 -1.54 -2.29
C ILE A 76 -23.93 -2.97 -1.93
N PRO A 77 -24.32 -3.98 -2.70
CA PRO A 77 -23.96 -5.36 -2.32
C PRO A 77 -22.46 -5.59 -2.44
N THR A 78 -21.95 -6.47 -1.58
CA THR A 78 -20.54 -6.81 -1.63
C THR A 78 -20.32 -7.98 -2.59
N PRO A 79 -19.52 -7.80 -3.64
CA PRO A 79 -19.33 -8.87 -4.61
C PRO A 79 -18.66 -10.08 -3.96
N PRO A 80 -18.81 -11.26 -4.56
CA PRO A 80 -18.03 -12.40 -4.07
C PRO A 80 -16.54 -12.08 -4.11
N THR A 81 -15.82 -12.68 -3.16
CA THR A 81 -14.39 -12.54 -2.85
C THR A 81 -14.11 -11.29 -2.02
N LEU A 82 -15.06 -10.36 -1.86
CA LEU A 82 -14.73 -9.08 -1.24
C LEU A 82 -15.26 -8.88 0.18
N LEU A 83 -16.09 -9.79 0.72
CA LEU A 83 -16.49 -9.66 2.11
C LEU A 83 -15.36 -10.21 2.98
N SER A 84 -14.78 -9.35 3.81
CA SER A 84 -13.52 -9.68 4.48
C SER A 84 -13.29 -8.69 5.62
N LEU A 85 -12.19 -8.92 6.33
CA LEU A 85 -11.68 -7.98 7.32
C LEU A 85 -11.70 -6.54 6.81
N GLN A 86 -11.36 -6.33 5.53
CA GLN A 86 -11.28 -4.98 4.98
C GLN A 86 -12.64 -4.31 4.84
N THR A 87 -13.71 -5.09 4.68
CA THR A 87 -15.02 -4.53 4.30
C THR A 87 -16.07 -4.79 5.36
N LEU A 88 -15.64 -5.01 6.59
CA LEU A 88 -16.52 -5.10 7.75
C LEU A 88 -16.15 -4.00 8.75
N ASP A 89 -17.17 -3.47 9.47
CA ASP A 89 -16.99 -2.53 10.58
C ASP A 89 -17.10 -3.25 11.91
N PRO A 90 -16.52 -2.69 12.98
CA PRO A 90 -16.86 -3.18 14.32
C PRO A 90 -18.35 -3.05 14.57
N PRO A 91 -18.95 -4.01 15.28
CA PRO A 91 -18.35 -5.17 15.93
C PRO A 91 -18.20 -6.40 15.04
N ASP A 92 -18.80 -6.40 13.85
CA ASP A 92 -18.72 -7.56 12.96
C ASP A 92 -17.27 -7.90 12.61
N GLN A 93 -16.46 -6.86 12.39
CA GLN A 93 -15.05 -7.02 12.04
C GLN A 93 -14.18 -7.49 13.20
N THR A 94 -14.61 -7.27 14.44
CA THR A 94 -13.68 -7.32 15.56
C THR A 94 -13.09 -8.71 15.81
N PRO A 95 -13.86 -9.80 15.75
CA PRO A 95 -13.22 -11.11 15.92
C PRO A 95 -12.12 -11.39 14.90
N LEU A 96 -12.38 -11.12 13.62
CA LEU A 96 -11.36 -11.30 12.59
C LEU A 96 -10.15 -10.39 12.82
N ARG A 97 -10.41 -9.12 13.15
CA ARG A 97 -9.33 -8.19 13.40
C ARG A 97 -8.46 -8.65 14.56
N HIS A 98 -9.06 -9.11 15.65
CA HIS A 98 -8.29 -9.58 16.80
C HIS A 98 -7.51 -10.86 16.48
N LEU A 99 -8.11 -11.76 15.69
CA LEU A 99 -7.43 -12.98 15.29
C LEU A 99 -6.19 -12.66 14.45
N ALA A 100 -6.35 -11.76 13.47
CA ALA A 100 -5.21 -11.39 12.64
C ALA A 100 -4.13 -10.68 13.46
N LEU A 101 -4.53 -9.77 14.35
CA LEU A 101 -3.54 -9.13 15.22
C LEU A 101 -2.79 -10.15 16.05
N ASP A 102 -3.51 -11.11 16.64
CA ASP A 102 -2.86 -12.11 17.48
C ASP A 102 -1.90 -12.98 16.67
N ALA A 103 -2.33 -13.41 15.48
CA ALA A 103 -1.45 -14.24 14.67
C ALA A 103 -0.22 -13.47 14.19
N VAL A 104 -0.38 -12.19 13.82
CA VAL A 104 0.77 -11.38 13.41
C VAL A 104 1.72 -11.18 14.57
N ARG A 105 1.19 -10.86 15.75
CA ARG A 105 2.07 -10.59 16.89
C ARG A 105 2.80 -11.82 17.38
N ALA A 106 2.32 -13.02 17.04
CA ALA A 106 3.01 -14.24 17.43
C ALA A 106 4.27 -14.52 16.60
N GLN A 107 4.57 -13.72 15.58
CA GLN A 107 5.72 -13.98 14.75
C GLN A 107 6.97 -13.34 15.35
N ASP A 108 8.13 -13.84 14.93
CA ASP A 108 9.44 -13.39 15.41
C ASP A 108 10.00 -12.42 14.38
N LEU A 109 9.82 -11.12 14.65
CA LEU A 109 10.30 -10.10 13.71
C LEU A 109 11.81 -10.05 13.66
N ASP A 110 12.49 -10.46 14.75
CA ASP A 110 13.95 -10.48 14.75
C ASP A 110 14.49 -11.55 13.82
N ALA A 111 13.86 -12.73 13.82
CA ALA A 111 14.24 -13.77 12.88
C ALA A 111 13.97 -13.32 11.44
N LEU A 112 12.85 -12.66 11.21
CA LEU A 112 12.53 -12.18 9.86
C LEU A 112 13.57 -11.17 9.39
N ARG A 113 13.93 -10.21 10.25
CA ARG A 113 14.93 -9.22 9.86
C ARG A 113 16.25 -9.89 9.50
N LYS A 114 16.66 -10.91 10.27
CA LYS A 114 17.93 -11.59 9.99
C LYS A 114 17.89 -12.24 8.62
N GLU A 115 16.82 -12.97 8.30
CA GLU A 115 16.84 -13.66 7.02
C GLU A 115 16.65 -12.69 5.85
N LEU A 116 15.87 -11.61 6.02
CA LEU A 116 15.74 -10.64 4.94
C LEU A 116 17.02 -9.86 4.72
N THR A 117 17.81 -9.61 5.77
CA THR A 117 19.07 -8.92 5.59
C THR A 117 20.01 -9.75 4.71
N LEU A 118 20.11 -11.04 5.00
CA LEU A 118 20.92 -11.94 4.17
C LEU A 118 20.40 -12.00 2.74
N PHE A 119 19.08 -12.17 2.58
CA PHE A 119 18.50 -12.30 1.25
C PHE A 119 18.72 -11.05 0.41
N ALA A 120 18.56 -9.86 1.01
CA ALA A 120 18.79 -8.62 0.28
C ALA A 120 20.24 -8.50 -0.16
N ASP A 121 21.18 -8.83 0.73
CA ASP A 121 22.59 -8.75 0.36
C ASP A 121 22.93 -9.72 -0.77
N GLN A 122 22.40 -10.93 -0.71
CA GLN A 122 22.63 -11.92 -1.77
C GLN A 122 22.04 -11.46 -3.09
N LEU A 123 20.83 -10.91 -3.05
CA LEU A 123 20.16 -10.49 -4.28
C LEU A 123 20.90 -9.33 -4.93
N LEU A 124 21.27 -8.32 -4.14
CA LEU A 124 21.94 -7.16 -4.71
C LEU A 124 23.36 -7.49 -5.16
N ASP A 125 24.03 -8.44 -4.51
CA ASP A 125 25.34 -8.86 -4.99
C ASP A 125 25.23 -9.51 -6.38
N GLU A 126 24.19 -10.34 -6.58
CA GLU A 126 23.96 -10.92 -7.90
CA GLU A 126 23.97 -10.92 -7.90
C GLU A 126 23.61 -9.84 -8.92
N LEU A 127 22.74 -8.90 -8.54
CA LEU A 127 22.32 -7.87 -9.48
C LEU A 127 23.46 -6.92 -9.82
N ALA A 128 24.42 -6.73 -8.90
CA ALA A 128 25.58 -5.89 -9.18
C ALA A 128 26.51 -6.54 -10.20
N ASP A 129 26.37 -7.83 -10.45
CA ASP A 129 27.11 -8.50 -11.52
C ASP A 129 26.53 -8.20 -12.89
N ARG A 130 25.36 -7.58 -12.96
CA ARG A 130 24.72 -7.23 -14.22
C ARG A 130 25.09 -5.81 -14.61
N GLU A 131 24.99 -5.54 -15.91
CA GLU A 131 25.23 -4.19 -16.41
C GLU A 131 24.25 -3.21 -15.81
N SER A 132 22.98 -3.60 -15.78
CA SER A 132 21.89 -2.87 -15.14
C SER A 132 20.74 -3.87 -14.99
N PHE A 133 19.68 -3.43 -14.33
CA PHE A 133 18.55 -4.30 -14.06
C PHE A 133 17.34 -3.44 -13.74
N ASP A 134 16.17 -4.08 -13.66
CA ASP A 134 14.96 -3.39 -13.24
C ASP A 134 14.79 -3.59 -11.74
N PHE A 135 14.92 -2.51 -10.98
CA PHE A 135 14.77 -2.62 -9.54
C PHE A 135 13.40 -3.16 -9.14
N ILE A 136 12.36 -2.91 -9.93
CA ILE A 136 11.02 -3.39 -9.55
C ILE A 136 10.91 -4.89 -9.71
N HIS A 137 11.07 -5.38 -10.94
CA HIS A 137 10.89 -6.82 -11.21
CA HIS A 137 10.85 -6.81 -11.14
C HIS A 137 12.02 -7.66 -10.63
N ASP A 138 13.26 -7.14 -10.68
CA ASP A 138 14.42 -7.97 -10.35
C ASP A 138 14.85 -7.89 -8.90
N TYR A 139 14.50 -6.82 -8.18
CA TYR A 139 14.76 -6.75 -6.74
C TYR A 139 13.45 -6.71 -5.96
N ALA A 140 12.65 -5.65 -6.10
CA ALA A 140 11.58 -5.40 -5.15
C ALA A 140 10.56 -6.54 -5.12
N ASP A 141 10.09 -6.97 -6.29
CA ASP A 141 9.07 -8.02 -6.32
C ASP A 141 9.62 -9.35 -5.82
N VAL A 142 10.89 -9.64 -6.09
CA VAL A 142 11.49 -10.87 -5.59
C VAL A 142 11.61 -10.82 -4.08
N PHE A 143 12.06 -9.68 -3.56
CA PHE A 143 12.28 -9.49 -2.14
C PHE A 143 10.96 -9.52 -1.37
N THR A 144 9.94 -8.81 -1.88
CA THR A 144 8.71 -8.74 -1.10
C THR A 144 7.89 -10.02 -1.21
N LEU A 145 7.98 -10.77 -2.31
CA LEU A 145 7.30 -12.06 -2.38
C LEU A 145 7.95 -13.04 -1.42
N ARG A 146 9.29 -13.05 -1.35
CA ARG A 146 9.98 -13.85 -0.35
C ARG A 146 9.52 -13.49 1.05
N ALA A 147 9.49 -12.19 1.36
CA ALA A 147 9.18 -11.76 2.72
C ALA A 147 7.78 -12.17 3.13
N ILE A 148 6.79 -11.95 2.26
CA ILE A 148 5.42 -12.20 2.69
C ILE A 148 5.13 -13.69 2.77
N THR A 149 5.71 -14.50 1.87
CA THR A 149 5.45 -15.93 1.94
C THR A 149 6.19 -16.56 3.11
N ARG A 150 7.39 -16.08 3.45
CA ARG A 150 8.03 -16.57 4.68
C ARG A 150 7.25 -16.14 5.92
N PHE A 151 6.76 -14.90 5.93
CA PHE A 151 6.03 -14.40 7.10
C PHE A 151 4.72 -15.17 7.30
N ILE A 152 4.00 -15.46 6.21
CA ILE A 152 2.76 -16.21 6.33
C ILE A 152 3.04 -17.70 6.55
N GLY A 153 4.17 -18.20 6.02
CA GLY A 153 4.54 -19.60 6.22
C GLY A 153 4.08 -20.52 5.12
N VAL A 154 4.12 -20.05 3.86
CA VAL A 154 3.54 -20.78 2.74
C VAL A 154 4.51 -20.82 1.57
N GLU A 155 4.30 -21.79 0.68
CA GLU A 155 5.12 -21.86 -0.53
C GLU A 155 4.66 -20.81 -1.54
N PRO A 156 5.57 -20.07 -2.16
CA PRO A 156 5.17 -18.97 -3.02
C PRO A 156 4.57 -19.47 -4.32
N PRO A 157 3.72 -18.67 -4.95
CA PRO A 157 3.28 -19.00 -6.30
C PRO A 157 4.41 -18.78 -7.30
N GLU A 158 4.27 -19.42 -8.46
CA GLU A 158 5.19 -19.16 -9.55
C GLU A 158 4.96 -17.75 -10.10
N THR A 159 6.05 -17.05 -10.41
CA THR A 159 5.94 -15.70 -10.97
C THR A 159 6.04 -15.77 -12.50
N ASP A 160 4.97 -16.27 -13.09
CA ASP A 160 4.87 -16.40 -14.53
C ASP A 160 4.02 -15.26 -15.10
N GLU A 161 3.72 -15.35 -16.40
CA GLU A 161 2.94 -14.30 -17.05
C GLU A 161 1.53 -14.22 -16.48
N ALA A 162 0.94 -15.37 -16.16
CA ALA A 162 -0.42 -15.36 -15.62
C ALA A 162 -0.46 -14.67 -14.26
N PHE A 163 0.53 -14.92 -13.40
CA PHE A 163 0.64 -14.24 -12.12
C PHE A 163 0.66 -12.72 -12.30
N ALA A 164 1.48 -12.24 -13.23
CA ALA A 164 1.56 -10.81 -13.49
C ALA A 164 0.24 -10.27 -14.00
N ARG A 165 -0.47 -11.02 -14.85
CA ARG A 165 -1.72 -10.51 -15.40
C ARG A 165 -2.82 -10.50 -14.34
N PHE A 166 -2.86 -11.52 -13.49
CA PHE A 166 -3.81 -11.49 -12.38
C PHE A 166 -3.56 -10.31 -11.45
N ASN A 167 -2.30 -10.01 -11.15
CA ASN A 167 -2.00 -8.87 -10.29
C ASN A 167 -2.40 -7.56 -10.94
N ASP A 168 -2.15 -7.41 -12.24
CA ASP A 168 -2.57 -6.20 -12.93
C ASP A 168 -4.09 -6.06 -12.94
N ASP A 169 -4.80 -7.18 -13.15
CA ASP A 169 -6.25 -7.14 -13.13
C ASP A 169 -6.77 -6.75 -11.75
N LEU A 170 -6.19 -7.31 -10.69
CA LEU A 170 -6.63 -6.98 -9.34
C LEU A 170 -6.38 -5.50 -9.04
N ASP A 171 -5.16 -5.01 -9.33
CA ASP A 171 -4.85 -3.61 -9.09
C ASP A 171 -5.77 -2.69 -9.88
N HIS A 172 -6.00 -3.00 -11.16
CA HIS A 172 -6.80 -2.08 -11.97
C HIS A 172 -8.24 -2.04 -11.47
N SER A 173 -8.73 -3.12 -10.88
CA SER A 173 -10.10 -3.10 -10.37
C SER A 173 -10.29 -2.16 -9.18
N MET A 174 -9.21 -1.75 -8.51
CA MET A 174 -9.36 -0.73 -7.48
C MET A 174 -9.87 0.57 -8.08
N ASP A 175 -9.64 0.78 -9.37
CA ASP A 175 -10.11 1.97 -10.09
C ASP A 175 -11.37 1.70 -10.91
N ALA A 176 -12.13 0.65 -10.56
CA ALA A 176 -13.27 0.26 -11.38
C ALA A 176 -14.36 1.32 -11.47
N GLN A 177 -14.42 2.26 -10.52
CA GLN A 177 -15.38 3.36 -10.65
C GLN A 177 -15.17 4.13 -11.94
N LEU A 178 -13.91 4.24 -12.41
CA LEU A 178 -13.60 4.94 -13.64
C LEU A 178 -13.51 4.02 -14.85
N ASP A 179 -13.54 2.70 -14.64
CA ASP A 179 -13.51 1.74 -15.74
C ASP A 179 -14.34 0.55 -15.32
N PRO A 180 -15.66 0.59 -15.53
CA PRO A 180 -16.54 -0.49 -15.08
C PRO A 180 -16.14 -1.86 -15.59
N ASP A 181 -15.53 -1.95 -16.78
CA ASP A 181 -15.08 -3.22 -17.34
C ASP A 181 -13.98 -3.87 -16.51
N ALA A 182 -13.39 -3.13 -15.56
CA ALA A 182 -12.31 -3.68 -14.74
C ALA A 182 -12.83 -4.53 -13.60
N GLU A 183 -14.12 -4.47 -13.32
CA GLU A 183 -14.67 -5.17 -12.16
C GLU A 183 -14.53 -6.68 -12.26
N GLU A 184 -15.11 -7.28 -13.31
CA GLU A 184 -15.12 -8.73 -13.41
C GLU A 184 -13.73 -9.34 -13.48
N PRO A 185 -12.77 -8.82 -14.27
CA PRO A 185 -11.41 -9.37 -14.18
C PRO A 185 -10.81 -9.29 -12.78
N GLY A 186 -11.14 -8.24 -12.03
CA GLY A 186 -10.64 -8.15 -10.65
C GLY A 186 -11.22 -9.24 -9.76
N LEU A 187 -12.51 -9.57 -9.95
CA LEU A 187 -13.08 -10.65 -9.15
C LEU A 187 -12.50 -12.01 -9.55
N ARG A 188 -12.21 -12.20 -10.84
CA ARG A 188 -11.55 -13.44 -11.24
C ARG A 188 -10.14 -13.52 -10.66
N ALA A 189 -9.43 -12.38 -10.56
CA ALA A 189 -8.10 -12.43 -9.96
C ALA A 189 -8.17 -12.78 -8.48
N ARG A 190 -9.14 -12.20 -7.76
CA ARG A 190 -9.28 -12.52 -6.34
C ARG A 190 -9.69 -13.98 -6.15
N ALA A 191 -10.57 -14.50 -7.01
CA ALA A 191 -10.93 -15.91 -6.93
C ALA A 191 -9.71 -16.80 -7.18
N HIS A 192 -8.86 -16.42 -8.13
CA HIS A 192 -7.63 -17.17 -8.39
C HIS A 192 -6.75 -17.22 -7.13
N PHE A 193 -6.53 -16.07 -6.50
CA PHE A 193 -5.70 -16.08 -5.30
C PHE A 193 -6.41 -16.71 -4.11
N ASN A 194 -7.75 -16.71 -4.09
CA ASN A 194 -8.46 -17.46 -3.06
C ASN A 194 -8.18 -18.95 -3.18
N ASP A 195 -8.08 -19.46 -4.42
CA ASP A 195 -7.75 -20.88 -4.59
C ASP A 195 -6.38 -21.17 -4.01
N LEU A 196 -5.44 -20.25 -4.22
CA LEU A 196 -4.11 -20.39 -3.63
C LEU A 196 -4.19 -20.43 -2.11
N VAL A 197 -4.98 -19.51 -1.52
CA VAL A 197 -5.14 -19.47 -0.07
C VAL A 197 -5.78 -20.76 0.45
N ARG A 198 -6.79 -21.28 -0.26
CA ARG A 198 -7.42 -22.52 0.19
C ARG A 198 -6.44 -23.68 0.18
N SER A 199 -5.56 -23.73 -0.83
CA SER A 199 -4.53 -24.76 -0.86
CA SER A 199 -4.55 -24.78 -0.85
C SER A 199 -3.62 -24.65 0.34
N TRP A 200 -3.23 -23.43 0.69
CA TRP A 200 -2.40 -23.21 1.86
C TRP A 200 -3.11 -23.63 3.16
N LEU A 201 -4.38 -23.28 3.31
CA LEU A 201 -5.11 -23.62 4.53
C LEU A 201 -5.27 -25.12 4.69
N GLY A 202 -5.33 -25.85 3.58
CA GLY A 202 -5.46 -27.31 3.67
C GLY A 202 -4.20 -28.00 4.10
N ASP A 203 -3.06 -27.31 4.06
CA ASP A 203 -1.77 -27.91 4.35
C ASP A 203 -0.85 -26.87 4.99
N PRO A 204 -1.18 -26.43 6.21
CA PRO A 204 -0.36 -25.40 6.85
C PRO A 204 1.03 -25.92 7.18
N GLY A 205 2.02 -25.05 6.96
CA GLY A 205 3.38 -25.33 7.34
C GLY A 205 3.58 -25.21 8.84
N PRO A 206 4.83 -25.40 9.28
CA PRO A 206 5.09 -25.40 10.72
C PRO A 206 5.07 -24.02 11.37
N HIS A 207 5.53 -22.99 10.68
CA HIS A 207 5.67 -21.65 11.25
C HIS A 207 4.99 -20.64 10.34
N GLY A 208 4.54 -19.54 10.93
CA GLY A 208 4.06 -18.40 10.17
C GLY A 208 2.70 -17.93 10.63
N VAL A 209 2.27 -16.82 10.03
CA VAL A 209 0.97 -16.25 10.37
C VAL A 209 -0.15 -17.26 10.11
N LEU A 210 -0.11 -17.96 8.96
CA LEU A 210 -1.22 -18.87 8.65
C LEU A 210 -1.28 -20.03 9.63
N PRO A 211 -0.20 -20.75 9.93
CA PRO A 211 -0.27 -21.78 11.00
C PRO A 211 -0.79 -21.23 12.31
N ASP A 212 -0.43 -20.01 12.69
CA ASP A 212 -0.95 -19.47 13.94
C ASP A 212 -2.42 -19.09 13.83
N VAL A 213 -2.88 -18.61 12.68
CA VAL A 213 -4.31 -18.41 12.47
C VAL A 213 -5.08 -19.71 12.71
N VAL A 214 -4.59 -20.82 12.14
CA VAL A 214 -5.27 -22.10 12.32
C VAL A 214 -5.26 -22.51 13.79
N ARG A 215 -4.13 -22.30 14.48
CA ARG A 215 -4.03 -22.67 15.89
C ARG A 215 -4.91 -21.80 16.77
N LEU A 216 -5.05 -20.52 16.45
CA LEU A 216 -5.83 -19.60 17.25
C LEU A 216 -7.32 -19.63 16.94
N LEU A 217 -7.74 -20.24 15.82
CA LEU A 217 -9.15 -20.22 15.43
C LEU A 217 -10.10 -20.75 16.50
N PRO A 218 -9.82 -21.86 17.18
CA PRO A 218 -10.77 -22.32 18.22
C PRO A 218 -10.92 -21.28 19.32
N GLY A 219 -12.17 -20.90 19.58
CA GLY A 219 -12.45 -19.91 20.60
C GLY A 219 -12.22 -18.48 20.20
N SER A 220 -11.91 -18.21 18.93
CA SER A 220 -11.68 -16.85 18.47
C SER A 220 -12.97 -16.11 18.11
N GLY A 221 -14.09 -16.83 17.96
CA GLY A 221 -15.29 -16.23 17.42
C GLY A 221 -15.28 -16.07 15.92
N VAL A 222 -14.25 -16.55 15.24
CA VAL A 222 -14.12 -16.48 13.80
C VAL A 222 -14.41 -17.86 13.21
N GLU A 223 -15.34 -17.91 12.27
CA GLU A 223 -15.60 -19.15 11.56
C GLU A 223 -14.59 -19.33 10.44
N ALA A 224 -14.17 -20.57 10.21
CA ALA A 224 -13.24 -20.88 9.13
C ALA A 224 -14.04 -20.94 7.82
N ASP A 225 -14.41 -19.77 7.33
CA ASP A 225 -15.30 -19.68 6.18
C ASP A 225 -14.73 -18.77 5.09
N ASP A 226 -15.55 -18.41 4.11
CA ASP A 226 -15.07 -17.65 2.96
C ASP A 226 -14.64 -16.24 3.36
N VAL A 227 -15.23 -15.68 4.42
CA VAL A 227 -14.79 -14.38 4.89
C VAL A 227 -13.35 -14.46 5.41
N LEU A 228 -13.01 -15.55 6.10
CA LEU A 228 -11.63 -15.72 6.53
C LEU A 228 -10.71 -15.89 5.33
N VAL A 229 -11.11 -16.71 4.35
CA VAL A 229 -10.30 -16.90 3.15
C VAL A 229 -10.02 -15.56 2.46
N ASN A 230 -11.07 -14.75 2.27
CA ASN A 230 -10.89 -13.46 1.61
C ASN A 230 -9.95 -12.57 2.40
N SER A 231 -10.01 -12.65 3.73
CA SER A 231 -9.15 -11.82 4.58
C SER A 231 -7.69 -12.24 4.46
N VAL A 232 -7.43 -13.55 4.43
CA VAL A 232 -6.06 -14.03 4.24
C VAL A 232 -5.54 -13.68 2.85
N ARG A 233 -6.39 -13.78 1.82
CA ARG A 233 -5.97 -13.36 0.49
C ARG A 233 -5.52 -11.92 0.51
N ALA A 234 -6.33 -11.04 1.09
CA ALA A 234 -6.00 -9.63 1.08
C ALA A 234 -4.73 -9.36 1.88
N PHE A 235 -4.53 -10.07 2.98
CA PHE A 235 -3.30 -9.97 3.76
C PHE A 235 -2.09 -10.33 2.90
N PHE A 236 -2.15 -11.48 2.21
CA PHE A 236 -1.07 -11.90 1.33
C PHE A 236 -0.83 -10.90 0.20
N HIS A 237 -1.90 -10.48 -0.47
CA HIS A 237 -1.72 -9.70 -1.68
C HIS A 237 -1.19 -8.30 -1.35
N ALA A 238 -1.74 -7.67 -0.30
CA ALA A 238 -1.18 -6.40 0.16
C ALA A 238 0.27 -6.57 0.59
N GLY A 239 0.56 -7.67 1.30
CA GLY A 239 1.92 -7.88 1.78
C GLY A 239 2.91 -8.04 0.66
N PHE A 240 2.50 -8.67 -0.45
CA PHE A 240 3.37 -8.75 -1.61
C PHE A 240 3.52 -7.39 -2.29
N GLU A 241 2.39 -6.74 -2.60
CA GLU A 241 2.43 -5.63 -3.55
C GLU A 241 2.81 -4.30 -2.89
N VAL A 242 2.21 -3.96 -1.76
CA VAL A 242 2.36 -2.59 -1.24
C VAL A 242 3.79 -2.27 -0.87
N PRO A 243 4.57 -3.16 -0.22
CA PRO A 243 6.00 -2.84 -0.01
C PRO A 243 6.75 -2.68 -1.31
N SER A 244 6.42 -3.45 -2.36
CA SER A 244 7.10 -3.24 -3.64
C SER A 244 6.79 -1.85 -4.19
N ARG A 245 5.52 -1.43 -4.12
CA ARG A 245 5.16 -0.09 -4.58
C ARG A 245 5.98 0.94 -3.81
N PHE A 246 6.09 0.77 -2.49
CA PHE A 246 6.81 1.75 -1.68
C PHE A 246 8.30 1.75 -1.99
N LEU A 247 8.92 0.57 -2.07
CA LEU A 247 10.37 0.54 -2.28
C LEU A 247 10.77 1.23 -3.58
N GLY A 248 10.01 0.99 -4.66
CA GLY A 248 10.29 1.68 -5.91
C GLY A 248 10.08 3.18 -5.82
N ASN A 249 8.94 3.60 -5.24
CA ASN A 249 8.69 5.04 -5.06
C ASN A 249 9.81 5.69 -4.26
N ALA A 250 10.23 5.04 -3.18
CA ALA A 250 11.22 5.61 -2.27
C ALA A 250 12.57 5.75 -2.96
N LEU A 251 13.03 4.69 -3.62
CA LEU A 251 14.32 4.78 -4.31
C LEU A 251 14.27 5.81 -5.43
N ALA A 252 13.18 5.83 -6.20
CA ALA A 252 13.06 6.83 -7.26
C ALA A 252 13.15 8.24 -6.70
N ALA A 253 12.52 8.50 -5.54
CA ALA A 253 12.57 9.82 -4.92
C ALA A 253 13.98 10.17 -4.45
N LEU A 254 14.69 9.20 -3.86
CA LEU A 254 16.04 9.46 -3.40
C LEU A 254 16.97 9.80 -4.56
N LEU A 255 16.86 9.07 -5.67
CA LEU A 255 17.74 9.33 -6.82
C LEU A 255 17.39 10.64 -7.52
N ALA A 256 16.11 11.03 -7.49
CA ALA A 256 15.66 12.22 -8.21
C ALA A 256 15.84 13.51 -7.41
N THR A 257 16.10 13.42 -6.11
CA THR A 257 16.18 14.60 -5.26
C THR A 257 17.63 14.97 -5.04
N PRO A 258 18.12 16.09 -5.56
CA PRO A 258 19.54 16.43 -5.39
C PRO A 258 19.98 16.38 -3.92
N GLY A 259 21.07 15.67 -3.67
CA GLY A 259 21.66 15.59 -2.34
C GLY A 259 21.06 14.55 -1.42
N ALA A 260 19.92 13.97 -1.76
CA ALA A 260 19.24 13.07 -0.83
C ALA A 260 20.03 11.78 -0.62
N TRP A 261 20.47 11.16 -1.72
CA TRP A 261 21.21 9.90 -1.58
C TRP A 261 22.53 10.13 -0.85
N GLU A 262 23.26 11.20 -1.17
CA GLU A 262 24.55 11.41 -0.51
C GLU A 262 24.36 11.66 0.98
N GLN A 263 23.26 12.30 1.38
CA GLN A 263 22.98 12.51 2.80
C GLN A 263 22.92 11.18 3.53
N LEU A 264 22.30 10.17 2.91
CA LEU A 264 22.27 8.84 3.52
C LEU A 264 23.63 8.18 3.48
N VAL A 265 24.34 8.32 2.36
CA VAL A 265 25.65 7.68 2.19
C VAL A 265 26.62 8.21 3.23
N ARG A 266 26.61 9.53 3.47
CA ARG A 266 27.51 10.14 4.43
C ARG A 266 27.07 9.93 5.88
N GLY A 267 25.91 9.33 6.12
CA GLY A 267 25.41 9.21 7.46
C GLY A 267 24.97 10.51 8.09
N ASP A 268 24.69 11.55 7.29
CA ASP A 268 24.20 12.81 7.82
C ASP A 268 22.76 12.73 8.30
N VAL A 269 22.07 11.62 8.02
CA VAL A 269 20.72 11.40 8.51
C VAL A 269 20.56 9.90 8.75
N GLY A 270 19.70 9.56 9.70
CA GLY A 270 19.47 8.16 10.03
C GLY A 270 18.31 7.57 9.25
N LEU A 271 18.29 6.24 9.16
CA LEU A 271 17.24 5.58 8.42
C LEU A 271 15.89 5.68 9.10
N ASP A 272 15.86 5.86 10.43
CA ASP A 272 14.56 5.97 11.12
C ASP A 272 13.76 7.15 10.56
N THR A 273 14.31 8.36 10.62
CA THR A 273 13.57 9.51 10.12
C THR A 273 13.46 9.50 8.60
N ALA A 274 14.47 8.95 7.92
CA ALA A 274 14.45 8.94 6.46
C ALA A 274 13.35 8.03 5.92
N VAL A 275 13.21 6.83 6.48
CA VAL A 275 12.16 5.93 6.00
C VAL A 275 10.79 6.54 6.26
N GLU A 276 10.59 7.17 7.42
CA GLU A 276 9.30 7.78 7.69
C GLU A 276 9.03 8.93 6.75
N GLU A 277 10.06 9.73 6.44
CA GLU A 277 9.85 10.82 5.49
C GLU A 277 9.58 10.31 4.08
N LEU A 278 10.16 9.18 3.69
CA LEU A 278 9.82 8.61 2.38
C LEU A 278 8.38 8.11 2.35
N ILE A 279 7.89 7.53 3.46
CA ILE A 279 6.48 7.13 3.49
C ILE A 279 5.58 8.36 3.39
N ARG A 280 5.90 9.42 4.12
CA ARG A 280 5.09 10.64 4.00
C ARG A 280 5.12 11.19 2.59
N TYR A 281 6.31 11.20 1.97
CA TYR A 281 6.49 11.90 0.70
C TYR A 281 5.88 11.14 -0.46
N VAL A 282 6.15 9.83 -0.54
CA VAL A 282 5.74 9.04 -1.70
C VAL A 282 5.17 7.69 -1.28
N GLY A 283 4.52 7.62 -0.13
CA GLY A 283 3.85 6.41 0.28
C GLY A 283 2.86 5.98 -0.77
N PRO A 284 2.71 4.68 -0.96
CA PRO A 284 1.95 4.20 -2.14
C PRO A 284 0.44 4.30 -2.04
N VAL A 285 -0.18 4.19 -0.86
CA VAL A 285 -1.63 4.17 -0.82
C VAL A 285 -2.12 5.61 -0.99
N GLN A 286 -2.93 5.84 -2.03
CA GLN A 286 -3.40 7.18 -2.36
C GLN A 286 -4.79 7.49 -1.85
N ALA A 287 -5.62 6.48 -1.63
CA ALA A 287 -7.04 6.72 -1.45
C ALA A 287 -7.63 5.63 -0.57
N LEU A 288 -8.41 6.06 0.43
CA LEU A 288 -9.15 5.15 1.31
C LEU A 288 -10.60 5.61 1.33
N ALA A 289 -11.50 4.75 0.84
CA ALA A 289 -12.89 5.13 0.68
C ALA A 289 -13.75 4.62 1.83
N ARG A 290 -14.77 5.40 2.18
CA ARG A 290 -15.71 5.05 3.23
C ARG A 290 -17.12 5.47 2.82
N ALA A 291 -18.11 4.77 3.37
CA ALA A 291 -19.52 5.11 3.14
C ALA A 291 -20.02 5.99 4.28
N CYS A 292 -20.61 7.13 3.95
CA CYS A 292 -21.15 8.02 4.97
C CYS A 292 -22.49 7.48 5.48
N LEU A 293 -22.58 7.26 6.78
CA LEU A 293 -23.78 6.72 7.41
C LEU A 293 -24.65 7.77 8.08
N GLN A 294 -24.23 9.03 8.08
CA GLN A 294 -25.00 10.08 8.74
C GLN A 294 -24.54 11.44 8.22
N ASP A 295 -25.50 12.33 7.96
CA ASP A 295 -25.19 13.68 7.51
C ASP A 295 -24.10 14.30 8.37
N THR A 296 -23.07 14.84 7.71
CA THR A 296 -21.88 15.36 8.39
C THR A 296 -21.37 16.55 7.61
N GLU A 297 -20.90 17.57 8.34
CA GLU A 297 -20.26 18.72 7.71
C GLU A 297 -18.76 18.57 7.80
N LEU A 298 -18.09 18.65 6.65
CA LEU A 298 -16.63 18.66 6.59
C LEU A 298 -16.20 19.76 5.64
N GLY A 299 -15.27 20.60 6.08
CA GLY A 299 -14.84 21.72 5.27
C GLY A 299 -15.98 22.63 4.83
N GLY A 300 -17.03 22.72 5.64
CA GLY A 300 -18.20 23.49 5.28
C GLY A 300 -19.08 22.87 4.23
N MET A 301 -18.80 21.65 3.79
CA MET A 301 -19.59 20.94 2.80
C MET A 301 -20.58 20.01 3.50
N ALA A 302 -21.78 19.89 2.94
CA ALA A 302 -22.81 19.01 3.48
C ALA A 302 -22.64 17.62 2.88
N VAL A 303 -21.98 16.73 3.61
CA VAL A 303 -21.86 15.35 3.20
C VAL A 303 -23.09 14.60 3.70
N LYS A 304 -23.74 13.87 2.80
CA LYS A 304 -25.02 13.25 3.09
C LYS A 304 -24.89 11.75 3.33
N GLU A 305 -25.73 11.24 4.22
CA GLU A 305 -25.89 9.80 4.37
C GLU A 305 -26.10 9.17 3.00
N GLY A 306 -25.40 8.06 2.74
CA GLY A 306 -25.50 7.37 1.48
C GLY A 306 -24.46 7.74 0.47
N GLN A 307 -23.70 8.81 0.71
CA GLN A 307 -22.63 9.22 -0.19
C GLN A 307 -21.31 8.60 0.27
N VAL A 308 -20.40 8.47 -0.68
CA VAL A 308 -19.06 7.96 -0.42
C VAL A 308 -18.12 9.14 -0.21
N VAL A 309 -17.18 8.98 0.74
CA VAL A 309 -16.08 9.91 0.94
C VAL A 309 -14.78 9.15 0.70
N THR A 310 -13.79 9.85 0.16
CA THR A 310 -12.49 9.26 -0.09
C THR A 310 -11.43 10.12 0.57
N ALA A 311 -10.69 9.51 1.51
CA ALA A 311 -9.54 10.13 2.14
C ALA A 311 -8.33 9.97 1.23
N LEU A 312 -7.91 11.06 0.59
CA LEU A 312 -6.72 11.04 -0.28
C LEU A 312 -5.50 11.22 0.61
N ILE A 313 -5.05 10.10 1.20
CA ILE A 313 -4.00 10.20 2.21
C ILE A 313 -2.64 10.52 1.61
N GLY A 314 -2.40 10.22 0.33
CA GLY A 314 -1.20 10.71 -0.33
C GLY A 314 -1.17 12.23 -0.38
N ALA A 315 -2.31 12.83 -0.70
CA ALA A 315 -2.44 14.29 -0.67
C ALA A 315 -2.36 14.82 0.77
N ALA A 316 -3.02 14.13 1.71
CA ALA A 316 -3.02 14.60 3.10
C ALA A 316 -1.62 14.65 3.69
N ASN A 317 -0.74 13.73 3.26
CA ASN A 317 0.62 13.67 3.78
C ASN A 317 1.51 14.78 3.25
N ARG A 318 1.01 15.61 2.33
CA ARG A 318 1.71 16.83 1.91
C ARG A 318 0.88 18.08 2.24
N ASP A 319 0.00 17.98 3.22
CA ASP A 319 -0.82 19.11 3.65
C ASP A 319 0.02 20.13 4.42
N PRO A 320 0.13 21.38 3.96
CA PRO A 320 0.91 22.38 4.71
C PRO A 320 0.33 22.71 6.08
N ASP A 321 -0.95 22.44 6.32
CA ASP A 321 -1.53 22.66 7.64
C ASP A 321 -0.94 21.72 8.68
N GLN A 322 -0.38 20.60 8.24
CA GLN A 322 0.22 19.61 9.14
C GLN A 322 1.73 19.56 9.07
N PHE A 323 2.31 19.80 7.90
CA PHE A 323 3.75 19.62 7.68
C PHE A 323 4.32 20.92 7.12
N PRO A 324 5.21 21.60 7.84
CA PRO A 324 5.91 22.74 7.24
C PRO A 324 6.77 22.29 6.07
N ASP A 325 6.83 23.11 5.02
CA ASP A 325 7.60 22.80 3.83
C ASP A 325 7.23 21.41 3.30
N PRO A 326 5.94 21.17 3.03
CA PRO A 326 5.49 19.79 2.79
C PRO A 326 5.91 19.22 1.45
N GLU A 327 6.24 20.05 0.48
CA GLU A 327 6.65 19.56 -0.83
C GLU A 327 8.15 19.25 -0.90
N THR A 328 8.87 19.41 0.21
CA THR A 328 10.28 19.09 0.28
C THR A 328 10.50 17.76 1.01
N LEU A 329 11.37 16.94 0.44
CA LEU A 329 11.86 15.72 1.07
C LEU A 329 12.90 16.12 2.11
N ARG A 330 12.52 16.09 3.38
CA ARG A 330 13.37 16.48 4.50
C ARG A 330 13.65 15.22 5.30
N LEU A 331 14.78 14.56 5.02
CA LEU A 331 14.97 13.21 5.53
C LEU A 331 15.17 13.16 7.05
N ASP A 332 15.38 14.30 7.70
CA ASP A 332 15.45 14.37 9.16
C ASP A 332 14.16 14.90 9.77
N ARG A 333 13.06 14.90 9.02
CA ARG A 333 11.83 15.56 9.45
C ARG A 333 11.35 15.04 10.80
N LYS A 334 11.10 15.96 11.73
CA LYS A 334 10.57 15.69 13.04
C LYS A 334 9.77 16.91 13.48
N PRO A 335 8.52 16.74 13.94
CA PRO A 335 7.76 15.48 13.97
C PRO A 335 7.29 15.08 12.58
N ASN A 336 6.66 13.91 12.47
CA ASN A 336 6.21 13.42 11.17
C ASN A 336 5.03 12.47 11.39
N ASN A 337 3.85 13.05 11.60
CA ASN A 337 2.65 12.27 11.89
C ASN A 337 1.92 11.88 10.59
N HIS A 338 2.62 11.17 9.72
CA HIS A 338 2.02 10.83 8.44
C HIS A 338 0.98 9.72 8.60
N LEU A 339 0.06 9.67 7.64
CA LEU A 339 -1.03 8.71 7.61
C LEU A 339 -0.74 7.49 6.73
N GLY A 340 0.52 7.21 6.42
CA GLY A 340 0.83 6.21 5.41
C GLY A 340 0.37 4.79 5.72
N PHE A 341 0.23 4.44 7.00
CA PHE A 341 -0.26 3.13 7.42
C PHE A 341 -1.68 3.16 7.96
N GLY A 342 -2.43 4.24 7.72
CA GLY A 342 -3.82 4.29 8.12
C GLY A 342 -3.98 4.55 9.61
N ARG A 343 -5.23 4.60 10.03
CA ARG A 343 -5.56 4.82 11.44
C ARG A 343 -6.84 4.08 11.78
N GLY A 344 -6.97 3.74 13.06
CA GLY A 344 -8.26 3.24 13.52
C GLY A 344 -8.47 1.75 13.26
N ALA A 345 -9.73 1.40 13.02
CA ALA A 345 -10.13 0.00 13.01
C ALA A 345 -9.51 -0.79 11.87
N HIS A 346 -9.09 -0.13 10.78
CA HIS A 346 -8.54 -0.80 9.62
C HIS A 346 -7.08 -0.46 9.38
N SER A 347 -6.38 0.03 10.40
CA SER A 347 -4.98 0.41 10.22
C SER A 347 -4.15 -0.81 9.80
N CYS A 348 -3.02 -0.53 9.15
CA CYS A 348 -2.22 -1.57 8.52
C CYS A 348 -1.77 -2.64 9.52
N LEU A 349 -1.99 -3.91 9.19
CA LEU A 349 -1.52 -4.99 10.03
C LEU A 349 -0.08 -5.38 9.75
N GLY A 350 0.49 -4.95 8.63
CA GLY A 350 1.83 -5.33 8.23
C GLY A 350 2.89 -4.29 8.43
N LEU A 351 2.59 -3.19 9.14
CA LEU A 351 3.50 -2.05 9.13
C LEU A 351 4.87 -2.37 9.72
N ASN A 352 4.95 -3.31 10.67
CA ASN A 352 6.27 -3.63 11.22
C ASN A 352 7.10 -4.43 10.21
N VAL A 353 6.45 -5.31 9.45
CA VAL A 353 7.14 -6.02 8.38
C VAL A 353 7.55 -5.04 7.29
N ALA A 354 6.67 -4.11 6.93
CA ALA A 354 6.99 -3.15 5.88
C ALA A 354 8.19 -2.29 6.25
N ARG A 355 8.28 -1.86 7.52
CA ARG A 355 9.41 -1.05 7.94
C ARG A 355 10.70 -1.85 7.91
N ILE A 356 10.64 -3.12 8.32
CA ILE A 356 11.83 -3.97 8.24
C ILE A 356 12.29 -4.07 6.79
N GLU A 357 11.36 -4.28 5.86
CA GLU A 357 11.73 -4.37 4.45
C GLU A 357 12.39 -3.08 3.96
N ALA A 358 11.87 -1.93 4.38
CA ALA A 358 12.43 -0.66 3.93
C ALA A 358 13.82 -0.42 4.52
N HIS A 359 13.98 -0.66 5.82
CA HIS A 359 15.28 -0.48 6.46
C HIS A 359 16.32 -1.45 5.90
N VAL A 360 15.91 -2.71 5.69
CA VAL A 360 16.84 -3.70 5.14
C VAL A 360 17.26 -3.32 3.73
N THR A 361 16.30 -2.93 2.90
CA THR A 361 16.61 -2.60 1.50
C THR A 361 17.52 -1.39 1.42
N LEU A 362 17.17 -0.31 2.12
CA LEU A 362 17.99 0.89 2.02
C LEU A 362 19.38 0.65 2.60
N GLY A 363 19.47 -0.07 3.73
CA GLY A 363 20.76 -0.38 4.29
C GLY A 363 21.63 -1.18 3.33
N ALA A 364 21.01 -2.10 2.59
CA ALA A 364 21.76 -2.92 1.64
C ALA A 364 22.19 -2.12 0.42
N LEU A 365 21.31 -1.21 -0.06
CA LEU A 365 21.67 -0.38 -1.20
C LEU A 365 22.77 0.60 -0.87
N LEU A 366 22.83 1.07 0.38
CA LEU A 366 23.86 2.00 0.77
C LEU A 366 25.25 1.39 0.78
N ARG A 367 25.36 0.06 0.74
CA ARG A 367 26.64 -0.61 0.59
C ARG A 367 27.12 -0.61 -0.86
N HIS A 368 26.32 -0.09 -1.78
CA HIS A 368 26.70 0.13 -3.17
CA HIS A 368 26.86 -0.08 -3.15
C HIS A 368 26.51 1.63 -3.41
C HIS A 368 27.32 1.29 -3.59
N PRO A 369 27.41 2.47 -2.89
N PRO A 369 28.50 1.31 -4.23
CA PRO A 369 27.16 3.92 -2.99
CA PRO A 369 29.09 2.58 -4.67
C PRO A 369 26.97 4.43 -4.41
C PRO A 369 28.45 3.05 -5.96
N GLY A 370 27.47 3.71 -5.41
N GLY A 370 27.91 4.26 -5.94
CA GLY A 370 27.40 4.15 -6.79
CA GLY A 370 27.38 4.85 -7.15
C GLY A 370 26.12 3.79 -7.52
C GLY A 370 26.17 4.16 -7.75
N VAL A 371 25.05 3.54 -6.76
N VAL A 371 25.22 3.73 -6.91
CA VAL A 371 23.73 3.34 -7.34
CA VAL A 371 23.93 3.35 -7.46
C VAL A 371 23.32 4.55 -8.17
N ARG A 372 22.75 4.30 -9.34
CA ARG A 372 22.23 5.38 -10.17
C ARG A 372 21.24 4.80 -11.16
N SER A 373 20.38 5.69 -11.67
CA SER A 373 19.41 5.30 -12.67
C SER A 373 20.11 4.87 -13.95
N ALA A 374 19.48 3.94 -14.66
CA ALA A 374 19.98 3.44 -15.93
C ALA A 374 18.90 3.50 -17.00
N GLY A 375 18.00 4.45 -16.89
CA GLY A 375 16.84 4.53 -17.75
C GLY A 375 15.70 5.22 -17.03
N GLU A 376 14.62 5.46 -17.79
CA GLU A 376 13.50 6.20 -17.22
C GLU A 376 12.59 5.29 -16.40
N PRO A 377 12.13 5.76 -15.24
CA PRO A 377 11.07 5.03 -14.53
C PRO A 377 9.78 4.99 -15.36
N VAL A 378 8.99 3.95 -15.12
CA VAL A 378 7.68 3.79 -15.73
C VAL A 378 6.66 3.66 -14.61
N VAL A 379 5.64 4.52 -14.62
CA VAL A 379 4.62 4.55 -13.59
C VAL A 379 3.48 3.61 -13.95
N ARG A 380 2.99 2.85 -12.97
CA ARG A 380 1.80 2.04 -13.18
C ARG A 380 0.58 2.94 -13.36
N PRO A 381 -0.34 2.58 -14.26
CA PRO A 381 -1.55 3.42 -14.46
C PRO A 381 -2.62 3.14 -13.42
N ASN A 382 -2.30 3.49 -12.17
CA ASN A 382 -3.20 3.22 -11.06
C ASN A 382 -3.28 4.46 -10.18
N GLY A 383 -4.51 4.86 -9.85
CA GLY A 383 -4.75 6.04 -9.05
C GLY A 383 -4.99 5.75 -7.57
N THR A 384 -5.22 4.50 -7.21
CA THR A 384 -5.52 4.13 -5.82
C THR A 384 -4.28 3.64 -5.08
N LEU A 385 -3.52 2.75 -5.70
CA LEU A 385 -2.27 2.21 -5.18
C LEU A 385 -1.18 2.62 -6.16
N ARG A 386 -0.31 3.55 -5.76
CA ARG A 386 0.64 4.20 -6.67
C ARG A 386 2.01 3.55 -6.61
N GLY A 387 2.56 3.22 -7.78
CA GLY A 387 3.92 2.72 -7.82
C GLY A 387 4.42 2.58 -9.24
N LEU A 388 5.63 2.02 -9.36
CA LEU A 388 6.33 1.92 -10.62
C LEU A 388 6.24 0.50 -11.16
N SER A 389 6.19 0.38 -12.49
CA SER A 389 6.36 -0.93 -13.11
C SER A 389 7.80 -1.19 -13.53
N ARG A 390 8.60 -0.15 -13.71
CA ARG A 390 10.01 -0.31 -14.07
CA ARG A 390 10.01 -0.31 -14.06
C ARG A 390 10.80 0.80 -13.41
N LEU A 391 12.00 0.47 -12.93
CA LEU A 391 12.94 1.45 -12.37
C LEU A 391 14.34 0.99 -12.73
N PRO A 392 14.81 1.33 -13.93
CA PRO A 392 16.11 0.83 -14.39
C PRO A 392 17.24 1.37 -13.53
N LEU A 393 18.15 0.48 -13.15
CA LEU A 393 19.14 0.81 -12.14
C LEU A 393 20.46 0.10 -12.42
N THR A 394 21.55 0.73 -12.04
CA THR A 394 22.84 0.05 -11.94
CA THR A 394 22.86 0.08 -11.96
C THR A 394 23.42 0.32 -10.56
N LEU A 395 24.08 -0.69 -10.01
CA LEU A 395 24.64 -0.54 -8.67
C LEU A 395 26.06 -0.02 -8.68
N GLY A 396 26.71 0.05 -9.83
CA GLY A 396 28.05 0.62 -9.91
C GLY A 396 29.13 -0.29 -9.39
N NLE B 1 -12.32 4.66 -6.78
CA NLE B 1 -11.15 4.28 -5.97
C NLE B 1 -11.57 3.54 -4.71
O NLE B 1 -12.18 4.10 -3.81
CB NLE B 1 -10.32 5.50 -5.57
CG NLE B 1 -9.74 6.28 -6.74
CD NLE B 1 -8.80 7.36 -6.22
CE NLE B 1 -8.15 8.14 -7.34
N ARG B 2 -11.25 2.24 -4.67
CA ARG B 2 -11.44 1.42 -3.48
C ARG B 2 -10.17 0.63 -3.23
N TYR B 3 -9.57 0.81 -2.06
CA TYR B 3 -8.30 0.18 -1.75
C TYR B 3 -8.58 -1.20 -1.16
N LEU B 4 -8.74 -2.18 -2.05
CA LEU B 4 -9.15 -3.53 -1.68
C LEU B 4 -8.28 -4.55 -2.39
N HIS B 5 -7.57 -5.35 -1.61
CA HIS B 5 -6.75 -6.42 -2.19
C HIS B 5 -7.54 -7.73 -2.27
CHA HEM C . -4.31 -1.92 5.71
CHB HEM C . -0.64 0.78 4.01
CHC HEM C . 2.21 -3.18 3.86
CHD HEM C . -1.49 -5.91 5.44
C1A HEM C . -3.58 -0.85 5.30
C2A HEM C . -4.03 0.53 5.23
C3A HEM C . -3.01 1.25 4.75
C4A HEM C . -1.88 0.39 4.50
CMA HEM C . -2.99 2.78 4.50
CAA HEM C . -5.42 1.08 5.66
CBA HEM C . -6.58 0.53 4.83
CGA HEM C . -7.90 1.20 5.14
O1A HEM C . -8.91 0.83 4.49
O2A HEM C . -7.98 2.11 6.02
C1B HEM C . 0.44 -0.06 3.82
C2B HEM C . 1.75 0.36 3.36
C3B HEM C . 2.54 -0.74 3.30
C4B HEM C . 1.76 -1.87 3.74
CMB HEM C . 2.09 1.82 2.99
CAB HEM C . 4.02 -0.81 2.86
CBB HEM C . 4.87 0.20 2.80
C1C HEM C . 1.47 -4.24 4.33
C2C HEM C . 1.97 -5.56 4.61
C3C HEM C . 0.96 -6.32 5.02
C4C HEM C . -0.23 -5.51 5.06
CMC HEM C . 3.45 -5.98 4.42
CAC HEM C . 0.95 -7.79 5.48
CBC HEM C . 2.01 -8.38 6.08
C1D HEM C . -2.59 -5.08 5.60
C2D HEM C . -3.94 -5.47 5.92
C3D HEM C . -4.72 -4.38 6.02
C4D HEM C . -3.89 -3.24 5.72
CMD HEM C . -4.38 -6.94 6.15
CAD HEM C . -6.24 -4.31 6.33
CBD HEM C . -6.52 -4.15 7.82
CGD HEM C . -8.01 -3.98 8.06
O1D HEM C . -8.79 -3.61 7.13
O2D HEM C . -8.44 -4.23 9.21
NA HEM C . -2.27 -0.89 4.85
NB HEM C . 0.48 -1.42 4.04
NC HEM C . 0.12 -4.24 4.63
ND HEM C . -2.60 -3.69 5.47
FE HEM C . -0.99 -2.52 4.93
CL CL D . -13.55 -17.70 -4.11
C ACT E . 7.54 -13.25 19.22
O ACT E . 6.37 -12.81 19.37
OXT ACT E . 7.92 -14.43 19.02
CH3 ACT E . 8.69 -12.19 19.30
C ACT F . 1.31 -5.60 15.20
O ACT F . 0.74 -4.85 16.04
OXT ACT F . 2.28 -6.39 15.38
CH3 ACT F . 0.74 -5.55 13.74
C ACT G . -23.22 16.78 -3.79
O ACT G . -23.70 16.42 -2.68
OXT ACT G . -23.23 16.17 -4.89
CH3 ACT G . -22.52 18.18 -3.81
C ACT H . 5.26 -19.44 14.72
O ACT H . 4.37 -19.94 13.97
OXT ACT H . 5.92 -18.36 14.58
CH3 ACT H . 5.63 -20.25 16.01
C1 GOL I . 13.16 -0.31 12.22
O1 GOL I . 11.81 0.04 12.35
C2 GOL I . 13.16 -1.72 11.62
O2 GOL I . 12.55 -2.64 12.46
C3 GOL I . 14.65 -2.05 11.36
O3 GOL I . 14.68 -3.29 10.69
C1 GOL J . -15.47 -3.13 -5.44
O1 GOL J . -16.50 -3.71 -6.17
C2 GOL J . -14.32 -2.83 -6.44
O2 GOL J . -14.77 -2.75 -7.74
C3 GOL J . -13.29 -3.94 -6.24
O3 GOL J . -12.04 -3.36 -6.44
#